data_3DUI
#
_entry.id   3DUI
#
_cell.length_a   71.590
_cell.length_b   107.640
_cell.length_c   35.830
_cell.angle_alpha   90.00
_cell.angle_beta   90.00
_cell.angle_gamma   90.00
#
_symmetry.space_group_name_H-M   'P 21 21 2'
#
loop_
_entity.id
_entity.type
_entity.pdbx_description
1 polymer 'Beta-galactoside-binding lectin'
2 non-polymer BETA-MERCAPTOETHANOL
3 water water
#
_entity_poly.entity_id   1
_entity_poly.type   'polypeptide(L)'
_entity_poly.pdbx_seq_one_letter_code
;MSCQGPVCTNLGLKPGQRLTVKGIIAPNAKSFVMNLGKDSTHLGLHFNPRFDAHGDVNLIVCNSKKMEEWGTEQRETVFP
FQKGAPIEITFSINPSDLTVHLPGHQFSFPNRLGLSVFDYFDTHGDFTLRSVSWE
;
_entity_poly.pdbx_strand_id   A,B
#
loop_
_chem_comp.id
_chem_comp.type
_chem_comp.name
_chem_comp.formula
BME non-polymer BETA-MERCAPTOETHANOL 'C2 H6 O S'
#
# COMPACT_ATOMS: atom_id res chain seq x y z
N GLN A 4 -15.76 -2.88 2.96
CA GLN A 4 -14.93 -1.76 2.42
C GLN A 4 -13.64 -1.57 3.21
N GLY A 5 -12.52 -1.49 2.49
CA GLY A 5 -11.23 -1.32 3.13
C GLY A 5 -10.14 -0.92 2.16
N PRO A 6 -8.88 -0.92 2.61
CA PRO A 6 -7.73 -0.56 1.76
C PRO A 6 -7.62 -1.36 0.44
N VAL A 7 -7.34 -0.65 -0.64
CA VAL A 7 -7.15 -1.28 -1.94
C VAL A 7 -5.88 -0.72 -2.57
N CYS A 8 -4.97 -1.59 -2.97
CA CYS A 8 -3.75 -1.15 -3.61
C CYS A 8 -3.59 -1.83 -4.97
N THR A 9 -3.42 -1.02 -6.01
CA THR A 9 -3.29 -1.55 -7.37
C THR A 9 -1.91 -1.28 -7.97
N ASN A 10 -1.51 -2.15 -8.90
CA ASN A 10 -0.22 -2.02 -9.59
C ASN A 10 0.96 -1.85 -8.64
N LEU A 11 1.09 -2.73 -7.65
CA LEU A 11 2.20 -2.62 -6.72
C LEU A 11 3.54 -2.77 -7.44
N GLY A 12 3.55 -3.56 -8.51
CA GLY A 12 4.75 -3.75 -9.29
C GLY A 12 5.82 -4.66 -8.73
N LEU A 13 5.44 -5.76 -8.08
CA LEU A 13 6.42 -6.68 -7.52
C LEU A 13 7.16 -7.45 -8.62
N LYS A 14 8.45 -7.65 -8.41
CA LYS A 14 9.28 -8.38 -9.36
C LYS A 14 9.30 -9.85 -8.92
N PRO A 15 9.62 -10.77 -9.86
CA PRO A 15 9.67 -12.21 -9.58
C PRO A 15 10.57 -12.54 -8.39
N GLY A 16 9.99 -13.23 -7.41
CA GLY A 16 10.76 -13.61 -6.23
C GLY A 16 10.53 -12.70 -5.04
N GLN A 17 9.83 -11.59 -5.21
CA GLN A 17 9.59 -10.70 -4.09
C GLN A 17 8.39 -11.17 -3.29
N ARG A 18 8.50 -11.06 -1.97
CA ARG A 18 7.43 -11.47 -1.07
C ARG A 18 6.70 -10.25 -0.52
N LEU A 19 5.38 -10.35 -0.42
CA LEU A 19 4.56 -9.26 0.10
C LEU A 19 4.27 -9.46 1.58
N THR A 20 4.73 -8.52 2.39
CA THR A 20 4.46 -8.60 3.81
C THR A 20 3.35 -7.64 4.19
N VAL A 21 2.38 -8.15 4.95
CA VAL A 21 1.27 -7.34 5.39
C VAL A 21 1.23 -7.33 6.91
N LYS A 22 1.05 -6.14 7.49
CA LYS A 22 0.98 -6.01 8.94
C LYS A 22 -0.27 -5.24 9.36
N GLY A 23 -0.78 -5.58 10.54
CA GLY A 23 -1.95 -4.90 11.05
C GLY A 23 -2.44 -5.52 12.35
N ILE A 24 -3.58 -5.06 12.84
CA ILE A 24 -4.14 -5.58 14.08
C ILE A 24 -5.50 -6.21 13.86
N ILE A 25 -5.70 -7.39 14.46
CA ILE A 25 -6.98 -8.10 14.39
C ILE A 25 -7.90 -7.47 15.45
N ALA A 26 -9.11 -7.10 15.07
CA ALA A 26 -10.06 -6.47 16.01
C ALA A 26 -10.22 -7.29 17.29
N PRO A 27 -10.49 -6.61 18.42
CA PRO A 27 -10.67 -7.28 19.71
C PRO A 27 -11.81 -8.28 19.75
N ASN A 28 -12.88 -8.01 19.00
CA ASN A 28 -14.04 -8.89 18.96
C ASN A 28 -14.28 -9.45 17.56
N ALA A 29 -13.21 -9.55 16.77
CA ALA A 29 -13.27 -10.04 15.39
C ALA A 29 -14.05 -11.33 15.11
N LYS A 30 -14.81 -11.33 14.02
CA LYS A 30 -15.58 -12.49 13.58
C LYS A 30 -14.76 -13.12 12.45
N SER A 31 -14.27 -12.28 11.55
CA SER A 31 -13.45 -12.74 10.43
C SER A 31 -12.86 -11.56 9.67
N PHE A 32 -11.94 -11.85 8.74
CA PHE A 32 -11.35 -10.81 7.90
C PHE A 32 -10.79 -11.43 6.61
N VAL A 33 -10.50 -10.60 5.62
CA VAL A 33 -9.99 -11.13 4.38
C VAL A 33 -8.91 -10.29 3.75
N MET A 34 -8.07 -10.97 2.96
CA MET A 34 -6.99 -10.34 2.24
C MET A 34 -7.04 -10.98 0.86
N ASN A 35 -7.11 -10.15 -0.17
CA ASN A 35 -7.15 -10.63 -1.55
C ASN A 35 -5.88 -10.21 -2.25
N LEU A 36 -5.22 -11.18 -2.89
CA LEU A 36 -3.98 -10.92 -3.62
C LEU A 36 -4.04 -11.50 -5.02
N GLY A 37 -3.40 -10.81 -5.96
CA GLY A 37 -3.39 -11.26 -7.35
C GLY A 37 -2.82 -10.25 -8.33
N LYS A 38 -3.36 -10.22 -9.55
CA LYS A 38 -2.89 -9.29 -10.57
C LYS A 38 -3.71 -8.01 -10.52
N ASP A 39 -5.01 -8.16 -10.30
CA ASP A 39 -5.94 -7.04 -10.19
C ASP A 39 -7.20 -7.52 -9.48
N SER A 40 -8.16 -6.63 -9.30
CA SER A 40 -9.39 -6.97 -8.58
C SER A 40 -10.21 -8.10 -9.17
N THR A 41 -9.93 -8.49 -10.41
CA THR A 41 -10.70 -9.54 -11.04
C THR A 41 -9.89 -10.80 -11.33
N HIS A 42 -8.64 -10.79 -10.90
CA HIS A 42 -7.74 -11.92 -11.08
C HIS A 42 -7.03 -12.12 -9.75
N LEU A 43 -7.75 -12.77 -8.83
CA LEU A 43 -7.23 -13.02 -7.50
C LEU A 43 -6.59 -14.38 -7.37
N GLY A 44 -5.27 -14.38 -7.18
CA GLY A 44 -4.55 -15.64 -7.02
C GLY A 44 -4.95 -16.25 -5.69
N LEU A 45 -5.07 -15.43 -4.66
CA LEU A 45 -5.45 -15.90 -3.34
C LEU A 45 -6.40 -14.99 -2.56
N HIS A 46 -7.54 -15.56 -2.20
CA HIS A 46 -8.56 -14.90 -1.39
C HIS A 46 -8.33 -15.61 -0.04
N PHE A 47 -7.75 -14.87 0.90
CA PHE A 47 -7.40 -15.39 2.21
C PHE A 47 -8.45 -14.91 3.21
N ASN A 48 -9.23 -15.83 3.75
CA ASN A 48 -10.32 -15.47 4.66
C ASN A 48 -10.37 -16.22 6.01
N PRO A 49 -9.65 -15.71 7.02
CA PRO A 49 -9.68 -16.39 8.32
C PRO A 49 -11.06 -16.17 8.96
N ARG A 50 -11.68 -17.24 9.47
CA ARG A 50 -12.98 -17.11 10.10
C ARG A 50 -13.02 -17.61 11.53
N PHE A 51 -13.22 -16.68 12.46
CA PHE A 51 -13.31 -17.02 13.89
C PHE A 51 -14.69 -17.65 14.09
N ASP A 52 -15.70 -16.92 13.62
CA ASP A 52 -17.09 -17.33 13.72
C ASP A 52 -17.83 -16.61 12.60
N ALA A 53 -18.02 -17.29 11.48
CA ALA A 53 -18.68 -16.65 10.35
C ALA A 53 -19.22 -17.65 9.31
N HIS A 54 -20.46 -17.44 8.90
CA HIS A 54 -21.12 -18.29 7.91
C HIS A 54 -21.09 -19.78 8.26
N GLY A 55 -21.18 -20.08 9.56
CA GLY A 55 -21.18 -21.46 9.98
C GLY A 55 -19.81 -22.03 10.30
N ASP A 56 -18.75 -21.36 9.87
CA ASP A 56 -17.39 -21.82 10.14
C ASP A 56 -16.90 -21.26 11.47
N VAL A 57 -16.12 -22.05 12.19
CA VAL A 57 -15.56 -21.65 13.47
C VAL A 57 -14.07 -21.92 13.50
N ASN A 58 -13.29 -20.87 13.76
CA ASN A 58 -11.84 -20.96 13.83
C ASN A 58 -11.16 -21.68 12.69
N LEU A 59 -11.41 -21.25 11.46
CA LEU A 59 -10.76 -21.87 10.32
C LEU A 59 -10.56 -20.87 9.19
N ILE A 60 -9.67 -21.21 8.26
CA ILE A 60 -9.37 -20.35 7.14
C ILE A 60 -9.97 -20.86 5.82
N VAL A 61 -10.61 -19.97 5.11
CA VAL A 61 -11.18 -20.33 3.82
C VAL A 61 -10.31 -19.66 2.78
N CYS A 62 -9.89 -20.41 1.78
CA CYS A 62 -9.08 -19.85 0.70
C CYS A 62 -9.70 -20.19 -0.64
N ASN A 63 -9.54 -19.29 -1.59
CA ASN A 63 -10.07 -19.50 -2.92
C ASN A 63 -9.35 -18.61 -3.90
N SER A 64 -9.78 -18.70 -5.15
CA SER A 64 -9.25 -17.91 -6.24
C SER A 64 -10.45 -17.37 -7.00
N LYS A 65 -10.24 -16.34 -7.81
CA LYS A 65 -11.35 -15.78 -8.56
C LYS A 65 -10.95 -15.36 -9.96
N LYS A 66 -11.87 -15.55 -10.90
CA LYS A 66 -11.66 -15.19 -12.29
C LYS A 66 -12.95 -14.66 -12.87
N MET A 67 -12.88 -13.44 -13.41
CA MET A 67 -14.04 -12.81 -14.02
C MET A 67 -15.32 -13.01 -13.21
N GLU A 68 -15.36 -12.36 -12.06
CA GLU A 68 -16.53 -12.43 -11.20
C GLU A 68 -16.97 -13.85 -10.82
N GLU A 69 -16.03 -14.77 -10.72
CA GLU A 69 -16.39 -16.11 -10.31
C GLU A 69 -15.35 -16.97 -9.62
N TRP A 70 -15.60 -17.20 -8.34
CA TRP A 70 -14.74 -17.98 -7.45
C TRP A 70 -14.36 -19.36 -7.94
N GLY A 71 -13.18 -19.80 -7.54
CA GLY A 71 -12.70 -21.13 -7.90
C GLY A 71 -13.24 -22.07 -6.85
N THR A 72 -12.65 -23.26 -6.74
CA THR A 72 -13.09 -24.22 -5.76
C THR A 72 -12.58 -23.86 -4.37
N GLU A 73 -13.52 -23.59 -3.47
CA GLU A 73 -13.22 -23.23 -2.10
C GLU A 73 -12.46 -24.32 -1.36
N GLN A 74 -11.49 -23.91 -0.55
CA GLN A 74 -10.71 -24.85 0.26
C GLN A 74 -10.66 -24.34 1.70
N ARG A 75 -10.80 -25.26 2.65
CA ARG A 75 -10.75 -24.91 4.07
C ARG A 75 -9.59 -25.60 4.78
N GLU A 76 -8.82 -24.83 5.55
CA GLU A 76 -7.71 -25.40 6.29
C GLU A 76 -7.97 -25.10 7.78
N THR A 77 -7.87 -26.13 8.62
CA THR A 77 -8.20 -25.97 10.04
C THR A 77 -7.16 -25.54 11.08
N VAL A 78 -5.91 -25.36 10.68
CA VAL A 78 -4.89 -24.89 11.62
C VAL A 78 -5.13 -23.37 11.70
N PHE A 79 -5.63 -22.90 12.84
CA PHE A 79 -5.98 -21.49 13.04
C PHE A 79 -5.07 -20.79 14.06
N PRO A 80 -3.98 -20.14 13.61
CA PRO A 80 -3.07 -19.47 14.54
C PRO A 80 -3.39 -18.01 14.92
N PHE A 81 -4.56 -17.52 14.54
CA PHE A 81 -4.94 -16.15 14.84
C PHE A 81 -5.61 -15.96 16.19
N GLN A 82 -5.47 -14.76 16.75
CA GLN A 82 -6.06 -14.38 18.03
C GLN A 82 -6.66 -12.99 17.92
N LYS A 83 -7.85 -12.80 18.47
CA LYS A 83 -8.51 -11.51 18.42
C LYS A 83 -7.69 -10.44 19.14
N GLY A 84 -7.74 -9.22 18.61
CA GLY A 84 -7.04 -8.09 19.20
C GLY A 84 -5.52 -8.17 19.13
N ALA A 85 -5.02 -9.10 18.36
CA ALA A 85 -3.58 -9.27 18.24
C ALA A 85 -3.01 -8.69 16.96
N PRO A 86 -1.77 -8.16 17.05
CA PRO A 86 -1.10 -7.58 15.88
C PRO A 86 -0.55 -8.77 15.12
N ILE A 87 -0.59 -8.73 13.80
CA ILE A 87 -0.08 -9.84 13.03
C ILE A 87 0.73 -9.38 11.82
N GLU A 88 1.52 -10.31 11.31
CA GLU A 88 2.35 -10.08 10.15
C GLU A 88 2.23 -11.33 9.29
N ILE A 89 1.92 -11.13 8.02
CA ILE A 89 1.77 -12.23 7.10
C ILE A 89 2.54 -11.88 5.83
N THR A 90 3.29 -12.85 5.33
CA THR A 90 4.07 -12.67 4.13
C THR A 90 3.62 -13.66 3.08
N PHE A 91 3.25 -13.13 1.91
CA PHE A 91 2.80 -13.97 0.83
C PHE A 91 3.86 -14.05 -0.26
N SER A 92 4.09 -15.27 -0.74
CA SER A 92 5.06 -15.50 -1.81
C SER A 92 4.34 -16.25 -2.91
N ILE A 93 4.91 -16.27 -4.10
CA ILE A 93 4.32 -17.01 -5.20
C ILE A 93 5.40 -17.50 -6.16
N ASN A 94 5.25 -18.76 -6.59
CA ASN A 94 6.19 -19.37 -7.53
C ASN A 94 5.32 -20.16 -8.51
N PRO A 95 5.92 -20.73 -9.57
CA PRO A 95 5.13 -21.49 -10.55
C PRO A 95 4.22 -22.59 -9.98
N SER A 96 4.69 -23.27 -8.93
CA SER A 96 3.94 -24.36 -8.31
C SER A 96 2.82 -23.93 -7.37
N ASP A 97 3.18 -23.12 -6.37
CA ASP A 97 2.19 -22.68 -5.39
C ASP A 97 2.41 -21.28 -4.80
N LEU A 98 1.46 -20.85 -3.98
CA LEU A 98 1.56 -19.56 -3.31
C LEU A 98 1.80 -19.91 -1.85
N THR A 99 2.61 -19.13 -1.16
CA THR A 99 2.90 -19.44 0.23
C THR A 99 2.45 -18.35 1.20
N VAL A 100 1.74 -18.77 2.25
CA VAL A 100 1.26 -17.85 3.26
C VAL A 100 2.11 -18.12 4.50
N HIS A 101 2.97 -17.17 4.84
CA HIS A 101 3.84 -17.33 5.97
C HIS A 101 3.38 -16.56 7.18
N LEU A 102 3.06 -17.30 8.22
CA LEU A 102 2.62 -16.74 9.48
C LEU A 102 3.66 -17.15 10.49
N PRO A 103 3.66 -16.50 11.66
CA PRO A 103 4.67 -16.90 12.65
C PRO A 103 4.30 -18.25 13.24
N GLY A 104 5.09 -19.28 12.90
CA GLY A 104 4.83 -20.61 13.42
C GLY A 104 4.20 -21.55 12.42
N HIS A 105 3.71 -20.99 11.31
CA HIS A 105 3.07 -21.80 10.28
C HIS A 105 3.30 -21.27 8.87
N GLN A 106 3.35 -22.19 7.92
CA GLN A 106 3.52 -21.85 6.52
C GLN A 106 2.42 -22.63 5.82
N PHE A 107 1.58 -21.96 5.04
CA PHE A 107 0.50 -22.63 4.34
C PHE A 107 0.76 -22.56 2.86
N SER A 108 0.20 -23.51 2.13
CA SER A 108 0.36 -23.55 0.68
C SER A 108 -1.01 -23.51 0.01
N PHE A 109 -1.05 -22.96 -1.20
CA PHE A 109 -2.29 -22.90 -1.98
C PHE A 109 -1.83 -23.02 -3.43
N PRO A 110 -2.56 -23.81 -4.24
CA PRO A 110 -2.14 -23.97 -5.64
C PRO A 110 -2.15 -22.66 -6.45
N ASN A 111 -1.15 -22.51 -7.30
CA ASN A 111 -1.05 -21.30 -8.15
C ASN A 111 -1.96 -21.52 -9.35
N ARG A 112 -3.26 -21.42 -9.12
CA ARG A 112 -4.27 -21.63 -10.13
C ARG A 112 -4.27 -20.78 -11.40
N LEU A 113 -4.14 -19.47 -11.27
CA LEU A 113 -4.14 -18.60 -12.44
C LEU A 113 -2.77 -18.49 -13.10
N GLY A 114 -1.77 -19.15 -12.52
CA GLY A 114 -0.43 -19.09 -13.07
C GLY A 114 0.18 -17.70 -13.05
N LEU A 115 -0.01 -16.99 -11.93
CA LEU A 115 0.52 -15.64 -11.79
C LEU A 115 2.00 -15.71 -11.46
N SER A 116 2.74 -14.66 -11.80
CA SER A 116 4.17 -14.63 -11.52
C SER A 116 4.46 -13.77 -10.29
N VAL A 117 3.68 -12.72 -10.08
CA VAL A 117 3.88 -11.84 -8.94
C VAL A 117 2.57 -11.26 -8.42
N PHE A 118 2.66 -10.54 -7.31
CA PHE A 118 1.49 -9.89 -6.71
C PHE A 118 1.51 -8.39 -7.08
N ASP A 119 0.50 -7.96 -7.82
CA ASP A 119 0.39 -6.56 -8.24
C ASP A 119 -0.81 -5.90 -7.57
N TYR A 120 -1.68 -6.72 -7.01
CA TYR A 120 -2.88 -6.24 -6.37
C TYR A 120 -3.08 -6.80 -4.96
N PHE A 121 -3.56 -5.93 -4.07
CA PHE A 121 -3.85 -6.31 -2.70
C PHE A 121 -4.96 -5.47 -2.10
N ASP A 122 -5.92 -6.12 -1.46
CA ASP A 122 -6.99 -5.40 -0.79
C ASP A 122 -7.38 -6.19 0.45
N THR A 123 -8.12 -5.56 1.34
CA THR A 123 -8.51 -6.22 2.58
C THR A 123 -9.68 -5.50 3.23
N HIS A 124 -10.49 -6.24 3.99
CA HIS A 124 -11.62 -5.67 4.71
C HIS A 124 -11.99 -6.66 5.81
N GLY A 125 -12.95 -6.28 6.66
CA GLY A 125 -13.34 -7.14 7.75
C GLY A 125 -12.73 -6.67 9.05
N ASP A 126 -12.64 -7.56 10.03
CA ASP A 126 -12.12 -7.21 11.33
C ASP A 126 -10.60 -7.20 11.48
N PHE A 127 -9.95 -6.46 10.60
CA PHE A 127 -8.50 -6.33 10.61
C PHE A 127 -8.18 -4.90 10.21
N THR A 128 -7.20 -4.30 10.87
CA THR A 128 -6.79 -2.93 10.58
C THR A 128 -5.38 -2.97 10.01
N LEU A 129 -5.25 -2.61 8.74
CA LEU A 129 -3.95 -2.60 8.06
C LEU A 129 -3.09 -1.44 8.55
N ARG A 130 -1.79 -1.65 8.68
CA ARG A 130 -0.89 -0.60 9.10
C ARG A 130 0.37 -0.60 8.23
N SER A 131 0.51 -1.61 7.38
CA SER A 131 1.71 -1.70 6.55
C SER A 131 1.69 -2.71 5.40
N VAL A 132 2.26 -2.31 4.27
CA VAL A 132 2.38 -3.16 3.10
C VAL A 132 3.77 -2.92 2.52
N SER A 133 4.59 -3.96 2.48
CA SER A 133 5.93 -3.81 1.96
C SER A 133 6.39 -5.05 1.23
N TRP A 134 7.34 -4.88 0.30
CA TRP A 134 7.83 -6.02 -0.45
C TRP A 134 9.31 -5.93 -0.77
N GLU A 135 9.91 -7.10 -0.99
CA GLU A 135 11.33 -7.22 -1.33
C GLU A 135 11.66 -8.70 -1.45
N GLN B 4 -0.31 4.96 -14.41
CA GLN B 4 0.83 4.04 -14.65
C GLN B 4 1.68 3.84 -13.39
N GLY B 5 1.02 3.60 -12.27
CA GLY B 5 1.77 3.41 -11.04
C GLY B 5 0.91 2.95 -9.87
N PRO B 6 1.54 2.56 -8.76
CA PRO B 6 0.81 2.08 -7.58
C PRO B 6 -0.25 3.08 -7.11
N VAL B 7 -1.40 2.55 -6.71
CA VAL B 7 -2.49 3.36 -6.21
C VAL B 7 -3.19 2.67 -5.04
N CYS B 8 -3.10 3.28 -3.86
CA CYS B 8 -3.77 2.72 -2.68
C CYS B 8 -4.87 3.67 -2.22
N THR B 9 -6.08 3.15 -2.15
CA THR B 9 -7.23 3.93 -1.72
C THR B 9 -7.70 3.47 -0.34
N ASN B 10 -8.44 4.33 0.35
CA ASN B 10 -8.96 4.03 1.67
C ASN B 10 -7.98 3.37 2.63
N LEU B 11 -6.84 4.02 2.86
CA LEU B 11 -5.83 3.48 3.75
C LEU B 11 -6.35 3.41 5.17
N GLY B 12 -7.12 4.41 5.58
CA GLY B 12 -7.69 4.41 6.91
C GLY B 12 -6.80 4.91 8.04
N LEU B 13 -5.93 5.87 7.76
CA LEU B 13 -5.03 6.43 8.77
C LEU B 13 -5.90 7.11 9.83
N LYS B 14 -5.38 7.22 11.04
CA LYS B 14 -6.10 7.89 12.12
C LYS B 14 -5.42 9.24 12.34
N PRO B 15 -6.12 10.19 12.97
CA PRO B 15 -5.47 11.49 13.18
C PRO B 15 -4.16 11.29 13.95
N GLY B 16 -3.12 12.01 13.54
CA GLY B 16 -1.84 11.90 14.21
C GLY B 16 -0.92 10.82 13.65
N GLN B 17 -1.44 9.94 12.80
CA GLN B 17 -0.61 8.90 12.21
C GLN B 17 0.13 9.44 11.00
N ARG B 18 1.40 9.10 10.87
CA ARG B 18 2.25 9.56 9.77
C ARG B 18 2.53 8.46 8.74
N LEU B 19 2.50 8.84 7.46
CA LEU B 19 2.73 7.90 6.39
C LEU B 19 4.18 7.83 5.91
N THR B 20 4.82 6.69 6.10
CA THR B 20 6.19 6.50 5.65
C THR B 20 6.22 5.71 4.33
N VAL B 21 6.96 6.23 3.36
CA VAL B 21 7.08 5.61 2.05
C VAL B 21 8.54 5.31 1.73
N LYS B 22 8.82 4.09 1.29
CA LYS B 22 10.17 3.68 0.95
C LYS B 22 10.21 3.16 -0.48
N GLY B 23 11.33 3.39 -1.16
CA GLY B 23 11.50 2.94 -2.53
C GLY B 23 12.87 3.32 -3.07
N ILE B 24 13.11 3.08 -4.34
CA ILE B 24 14.40 3.41 -4.93
C ILE B 24 14.21 4.34 -6.11
N ILE B 25 15.05 5.36 -6.22
CA ILE B 25 14.97 6.25 -7.35
C ILE B 25 15.73 5.58 -8.50
N ALA B 26 15.14 5.58 -9.68
CA ALA B 26 15.76 4.95 -10.86
C ALA B 26 17.18 5.48 -11.15
N PRO B 27 18.00 4.65 -11.81
CA PRO B 27 19.38 5.03 -12.16
C PRO B 27 19.48 6.34 -12.96
N ASN B 28 18.64 6.47 -13.98
CA ASN B 28 18.64 7.68 -14.81
C ASN B 28 17.33 8.44 -14.67
N ALA B 29 16.90 8.64 -13.43
CA ALA B 29 15.64 9.33 -13.13
C ALA B 29 15.55 10.75 -13.63
N LYS B 30 14.41 11.10 -14.20
CA LYS B 30 14.18 12.45 -14.69
C LYS B 30 13.26 13.13 -13.69
N SER B 31 12.40 12.33 -13.05
CA SER B 31 11.45 12.82 -12.04
C SER B 31 10.45 11.75 -11.63
N PHE B 32 9.78 11.98 -10.50
CA PHE B 32 8.77 11.08 -9.99
C PHE B 32 7.80 11.88 -9.13
N VAL B 33 6.60 11.35 -8.90
CA VAL B 33 5.65 12.03 -8.06
C VAL B 33 4.98 11.10 -7.05
N MET B 34 4.61 11.69 -5.92
CA MET B 34 3.93 10.99 -4.86
C MET B 34 2.75 11.89 -4.53
N ASN B 35 1.54 11.35 -4.63
CA ASN B 35 0.34 12.11 -4.33
C ASN B 35 -0.32 11.62 -3.04
N LEU B 36 -0.55 12.55 -2.12
CA LEU B 36 -1.18 12.26 -0.83
C LEU B 36 -2.48 13.05 -0.72
N GLY B 37 -3.50 12.43 -0.10
CA GLY B 37 -4.76 13.11 0.08
C GLY B 37 -5.86 12.23 0.66
N LYS B 38 -7.09 12.54 0.31
CA LYS B 38 -8.26 11.81 0.78
C LYS B 38 -8.71 10.83 -0.30
N ASP B 39 -8.54 11.22 -1.55
CA ASP B 39 -8.91 10.40 -2.70
C ASP B 39 -8.25 10.99 -3.93
N SER B 40 -8.33 10.29 -5.05
CA SER B 40 -7.68 10.74 -6.28
C SER B 40 -8.02 12.16 -6.71
N THR B 41 -9.18 12.67 -6.30
CA THR B 41 -9.60 14.02 -6.67
C THR B 41 -9.51 15.01 -5.53
N HIS B 42 -8.74 14.68 -4.51
CA HIS B 42 -8.57 15.55 -3.35
C HIS B 42 -7.19 15.36 -2.79
N LEU B 43 -6.20 15.89 -3.49
CA LEU B 43 -4.80 15.75 -3.08
C LEU B 43 -4.30 16.90 -2.23
N GLY B 44 -3.90 16.58 -1.00
CA GLY B 44 -3.37 17.59 -0.11
C GLY B 44 -1.95 17.91 -0.56
N LEU B 45 -1.19 16.87 -0.88
CA LEU B 45 0.17 17.06 -1.32
C LEU B 45 0.51 16.30 -2.59
N HIS B 46 1.01 17.04 -3.55
CA HIS B 46 1.47 16.50 -4.82
C HIS B 46 2.95 16.82 -4.68
N PHE B 47 3.75 15.78 -4.49
CA PHE B 47 5.18 15.92 -4.27
C PHE B 47 5.92 15.42 -5.51
N ASN B 48 6.47 16.36 -6.30
CA ASN B 48 7.14 16.02 -7.55
C ASN B 48 8.58 16.47 -7.70
N PRO B 49 9.54 15.61 -7.29
CA PRO B 49 10.95 16.00 -7.41
C PRO B 49 11.34 15.87 -8.90
N ARG B 50 12.00 16.89 -9.43
CA ARG B 50 12.41 16.83 -10.83
C ARG B 50 13.92 16.98 -10.99
N PHE B 51 14.56 15.93 -11.52
CA PHE B 51 15.99 15.96 -11.78
C PHE B 51 16.17 16.80 -13.05
N ASP B 52 15.25 16.59 -13.98
CA ASP B 52 15.24 17.29 -15.26
C ASP B 52 13.89 17.07 -15.93
N ALA B 53 13.00 18.05 -15.85
CA ALA B 53 11.69 17.92 -16.47
C ALA B 53 10.95 19.26 -16.49
N HIS B 54 10.21 19.52 -17.56
CA HIS B 54 9.45 20.76 -17.71
C HIS B 54 10.30 22.02 -17.52
N GLY B 55 11.59 21.93 -17.84
CA GLY B 55 12.44 23.10 -17.69
C GLY B 55 13.06 23.25 -16.32
N ASP B 56 12.67 22.40 -15.36
CA ASP B 56 13.23 22.48 -14.02
C ASP B 56 14.37 21.50 -13.85
N VAL B 57 15.38 21.90 -13.08
CA VAL B 57 16.53 21.06 -12.80
C VAL B 57 16.71 20.99 -11.29
N ASN B 58 16.89 19.77 -10.77
CA ASN B 58 17.08 19.53 -9.34
C ASN B 58 16.28 20.42 -8.39
N LEU B 59 14.96 20.32 -8.45
CA LEU B 59 14.10 21.07 -7.57
C LEU B 59 12.81 20.30 -7.38
N ILE B 60 12.10 20.59 -6.30
CA ILE B 60 10.85 19.91 -6.00
C ILE B 60 9.65 20.80 -6.27
N VAL B 61 8.67 20.27 -6.99
CA VAL B 61 7.45 21.00 -7.28
C VAL B 61 6.35 20.41 -6.40
N CYS B 62 5.83 21.21 -5.48
CA CYS B 62 4.77 20.75 -4.60
C CYS B 62 3.48 21.47 -4.95
N ASN B 63 2.34 20.80 -4.79
CA ASN B 63 1.06 21.40 -5.10
C ASN B 63 -0.11 20.62 -4.50
N SER B 64 -1.31 21.16 -4.67
CA SER B 64 -2.54 20.54 -4.19
C SER B 64 -3.48 20.40 -5.39
N LYS B 65 -4.37 19.41 -5.35
CA LYS B 65 -5.31 19.24 -6.46
C LYS B 65 -6.70 18.91 -5.93
N LYS B 66 -7.67 19.70 -6.38
CA LYS B 66 -9.07 19.54 -5.99
C LYS B 66 -9.93 19.50 -7.25
N MET B 67 -10.81 18.52 -7.33
CA MET B 67 -11.71 18.36 -8.48
C MET B 67 -11.04 18.68 -9.83
N GLU B 68 -9.95 17.98 -10.11
CA GLU B 68 -9.20 18.13 -11.37
C GLU B 68 -8.54 19.49 -11.60
N GLU B 69 -8.56 20.36 -10.60
CA GLU B 69 -7.93 21.67 -10.78
C GLU B 69 -6.74 21.87 -9.85
N TRP B 70 -5.56 22.05 -10.44
CA TRP B 70 -4.34 22.26 -9.68
C TRP B 70 -4.38 23.53 -8.84
N GLY B 71 -3.65 23.51 -7.75
CA GLY B 71 -3.58 24.68 -6.88
C GLY B 71 -2.38 25.52 -7.29
N THR B 72 -1.89 26.36 -6.39
CA THR B 72 -0.73 27.19 -6.70
C THR B 72 0.58 26.48 -6.39
N GLU B 73 1.38 26.33 -7.43
CA GLU B 73 2.68 25.67 -7.39
C GLU B 73 3.65 26.31 -6.40
N GLN B 74 4.50 25.49 -5.82
CA GLN B 74 5.50 25.96 -4.88
C GLN B 74 6.74 25.13 -5.15
N ARG B 75 7.85 25.81 -5.42
CA ARG B 75 9.11 25.13 -5.72
C ARG B 75 10.08 25.17 -4.55
N GLU B 76 10.85 24.10 -4.43
CA GLU B 76 11.84 23.95 -3.37
C GLU B 76 13.15 23.60 -4.05
N THR B 77 14.16 24.46 -3.89
CA THR B 77 15.45 24.18 -4.52
C THR B 77 16.39 23.34 -3.66
N VAL B 78 16.01 23.06 -2.41
CA VAL B 78 16.84 22.17 -1.59
C VAL B 78 16.42 20.82 -2.18
N PHE B 79 17.36 20.15 -2.84
CA PHE B 79 17.09 18.89 -3.52
C PHE B 79 18.01 17.76 -3.03
N PRO B 80 17.63 17.08 -1.93
CA PRO B 80 18.42 15.99 -1.36
C PRO B 80 18.35 14.64 -2.06
N PHE B 81 17.72 14.58 -3.23
CA PHE B 81 17.58 13.32 -3.94
C PHE B 81 18.71 12.97 -4.89
N GLN B 82 19.11 11.71 -4.87
CA GLN B 82 20.15 11.20 -5.76
C GLN B 82 19.59 10.07 -6.61
N LYS B 83 20.00 10.00 -7.87
CA LYS B 83 19.54 8.95 -8.76
C LYS B 83 20.04 7.58 -8.28
N GLY B 84 19.26 6.55 -8.56
CA GLY B 84 19.63 5.20 -8.16
C GLY B 84 19.74 4.97 -6.67
N ALA B 85 19.32 5.94 -5.88
CA ALA B 85 19.42 5.82 -4.42
C ALA B 85 18.11 5.44 -3.73
N PRO B 86 18.23 4.73 -2.60
CA PRO B 86 17.03 4.33 -1.84
C PRO B 86 16.61 5.47 -0.91
N ILE B 87 15.32 5.79 -0.91
CA ILE B 87 14.88 6.85 -0.01
C ILE B 87 13.73 6.39 0.86
N GLU B 88 13.53 7.14 1.93
CA GLU B 88 12.48 6.87 2.89
C GLU B 88 11.94 8.23 3.29
N ILE B 89 10.65 8.43 3.06
CA ILE B 89 10.02 9.70 3.38
C ILE B 89 8.80 9.50 4.25
N THR B 90 8.71 10.28 5.31
CA THR B 90 7.56 10.22 6.21
C THR B 90 6.77 11.50 6.06
N PHE B 91 5.48 11.36 5.79
CA PHE B 91 4.60 12.49 5.63
C PHE B 91 3.72 12.62 6.87
N SER B 92 3.48 13.85 7.28
CA SER B 92 2.64 14.15 8.45
C SER B 92 1.64 15.24 8.08
N ILE B 93 0.57 15.33 8.85
CA ILE B 93 -0.45 16.32 8.60
C ILE B 93 -1.19 16.75 9.84
N ASN B 94 -1.55 18.03 9.87
CA ASN B 94 -2.29 18.61 10.99
C ASN B 94 -3.04 19.80 10.43
N PRO B 95 -4.05 20.28 11.15
CA PRO B 95 -4.82 21.44 10.64
C PRO B 95 -3.90 22.56 10.14
N SER B 96 -2.76 22.73 10.83
CA SER B 96 -1.79 23.76 10.47
C SER B 96 -1.24 23.57 9.06
N ASP B 97 -0.56 22.44 8.85
CA ASP B 97 0.01 22.15 7.53
C ASP B 97 0.68 20.77 7.41
N LEU B 98 1.14 20.45 6.21
CA LEU B 98 1.79 19.17 5.95
C LEU B 98 3.30 19.25 6.08
N THR B 99 3.87 18.18 6.65
CA THR B 99 5.30 18.12 6.84
C THR B 99 5.90 16.95 6.08
N VAL B 100 7.08 17.17 5.51
CA VAL B 100 7.77 16.13 4.79
C VAL B 100 9.11 15.98 5.48
N HIS B 101 9.43 14.79 5.95
CA HIS B 101 10.70 14.60 6.59
C HIS B 101 11.55 13.55 5.91
N LEU B 102 12.81 13.93 5.68
CA LEU B 102 13.80 13.10 5.04
C LEU B 102 15.04 13.14 5.93
N PRO B 103 15.94 12.18 5.77
CA PRO B 103 17.14 12.22 6.61
C PRO B 103 17.89 13.53 6.36
N GLY B 104 17.89 14.42 7.35
CA GLY B 104 18.61 15.68 7.23
C GLY B 104 17.83 16.87 6.73
N HIS B 105 16.58 16.65 6.35
CA HIS B 105 15.74 17.73 5.82
C HIS B 105 14.30 17.61 6.28
N GLN B 106 13.63 18.75 6.37
CA GLN B 106 12.23 18.80 6.76
C GLN B 106 11.54 19.91 5.99
N PHE B 107 10.57 19.54 5.16
CA PHE B 107 9.85 20.53 4.38
C PHE B 107 8.47 20.73 4.95
N SER B 108 7.83 21.81 4.54
CA SER B 108 6.49 22.12 5.02
C SER B 108 5.62 22.55 3.85
N PHE B 109 4.30 22.40 3.98
CA PHE B 109 3.37 22.78 2.93
C PHE B 109 2.04 23.05 3.60
N PRO B 110 1.42 24.21 3.32
CA PRO B 110 0.13 24.53 3.96
C PRO B 110 -0.92 23.45 3.69
N ASN B 111 -1.76 23.20 4.70
CA ASN B 111 -2.82 22.21 4.62
C ASN B 111 -4.08 22.84 4.01
N ARG B 112 -3.99 23.18 2.73
CA ARG B 112 -5.09 23.81 2.02
C ARG B 112 -6.46 23.15 2.15
N LEU B 113 -6.57 21.90 1.69
CA LEU B 113 -7.84 21.16 1.74
C LEU B 113 -8.36 20.90 3.15
N GLY B 114 -7.58 21.26 4.16
CA GLY B 114 -8.00 21.04 5.54
C GLY B 114 -8.17 19.58 5.91
N LEU B 115 -7.44 18.69 5.22
CA LEU B 115 -7.53 17.25 5.50
C LEU B 115 -7.08 16.97 6.93
N SER B 116 -7.56 15.85 7.48
CA SER B 116 -7.22 15.46 8.84
C SER B 116 -6.24 14.29 8.84
N VAL B 117 -6.34 13.43 7.82
CA VAL B 117 -5.46 12.28 7.69
C VAL B 117 -5.23 11.97 6.22
N PHE B 118 -4.30 11.07 5.95
CA PHE B 118 -4.02 10.65 4.58
C PHE B 118 -4.75 9.34 4.36
N ASP B 119 -5.63 9.29 3.36
CA ASP B 119 -6.38 8.08 3.05
C ASP B 119 -6.07 7.56 1.66
N TYR B 120 -5.43 8.41 0.85
CA TYR B 120 -5.08 8.07 -0.51
C TYR B 120 -3.60 8.31 -0.79
N PHE B 121 -3.00 7.41 -1.56
CA PHE B 121 -1.60 7.53 -1.96
C PHE B 121 -1.31 6.80 -3.26
N ASP B 122 -0.75 7.53 -4.22
CA ASP B 122 -0.39 6.94 -5.49
C ASP B 122 0.98 7.49 -5.88
N THR B 123 1.63 6.79 -6.82
CA THR B 123 2.93 7.22 -7.27
C THR B 123 3.23 6.70 -8.67
N HIS B 124 4.03 7.46 -9.40
CA HIS B 124 4.44 7.07 -10.73
C HIS B 124 5.75 7.80 -11.02
N GLY B 125 6.32 7.55 -12.19
CA GLY B 125 7.58 8.19 -12.52
C GLY B 125 8.75 7.27 -12.27
N ASP B 126 9.94 7.86 -12.27
CA ASP B 126 11.18 7.11 -12.09
C ASP B 126 11.51 6.72 -10.66
N PHE B 127 10.52 6.14 -9.99
CA PHE B 127 10.64 5.69 -8.60
C PHE B 127 9.96 4.33 -8.44
N THR B 128 10.61 3.44 -7.72
CA THR B 128 10.05 2.10 -7.50
C THR B 128 9.61 1.98 -6.04
N LEU B 129 8.30 1.96 -5.82
CA LEU B 129 7.73 1.85 -4.48
C LEU B 129 8.05 0.49 -3.89
N ARG B 130 8.36 0.44 -2.60
CA ARG B 130 8.66 -0.84 -1.97
C ARG B 130 8.05 -0.95 -0.58
N SER B 131 7.37 0.09 -0.14
CA SER B 131 6.79 0.07 1.19
C SER B 131 5.95 1.28 1.57
N VAL B 132 4.79 1.00 2.15
CA VAL B 132 3.86 2.03 2.64
C VAL B 132 3.41 1.52 4.02
N SER B 133 3.70 2.30 5.05
CA SER B 133 3.34 1.93 6.41
C SER B 133 2.96 3.16 7.20
N TRP B 134 2.18 2.97 8.25
CA TRP B 134 1.75 4.10 9.07
C TRP B 134 1.56 3.77 10.55
N GLU B 135 1.68 4.81 11.37
CA GLU B 135 1.53 4.70 12.83
C GLU B 135 1.63 6.10 13.44
C1 BME C . -4.95 -23.29 2.29
C2 BME C . -4.92 -21.93 2.98
O1 BME C . -6.27 -23.74 2.08
S2 BME C . -5.01 -20.54 1.81
C1 BME D . 7.65 22.74 -0.33
C2 BME D . 7.92 21.24 -0.36
O1 BME D . 8.79 23.45 0.12
S2 BME D . 6.42 20.27 -0.70
#